data_6CFG
#
_entry.id   6CFG
#
_cell.length_a   102.197
_cell.length_b   102.197
_cell.length_c   454.053
_cell.angle_alpha   90.00
_cell.angle_beta   90.00
_cell.angle_gamma   120.00
#
_symmetry.space_group_name_H-M   'H 3 2'
#
loop_
_entity.id
_entity.type
_entity.pdbx_description
1 polymer Hemagglutinin
2 polymer Hemagglutinin
3 branched 2-acetamido-2-deoxy-beta-D-glucopyranose-(1-4)-2-acetamido-2-deoxy-beta-D-glucopyranose
4 non-polymer 2-acetamido-2-deoxy-beta-D-glucopyranose
5 non-polymer N-[2-(2-{4-[(R)-(2-methyl-2H-tetrazol-5-yl)(phenyl)methyl]piperazine-1-carbonyl}pyridin-4-yl)-1,3-benzoxazol-5-yl]acetamide
6 non-polymer DI(HYDROXYETHYL)ETHER
7 water water
#
loop_
_entity_poly.entity_id
_entity_poly.type
_entity_poly.pdbx_seq_one_letter_code
_entity_poly.pdbx_strand_id
1 'polypeptide(L)'
;ADPGDQICIGYHANNSTEQVDTIMEKNVTVTHAQDILEKKHNGKLCDLDGVKPLILRDCSVAGWLLGNPMCDEFINVPEW
SYIVEKANPVNDLCYPGDFNDYEELKHLLSRINHFEKIQIIPKSSWSSHEASLGVSSACPYQGKSSFFRNVVWLIKKNST
YPTIKRSYNNTNQEDLLVLWGIHHPNDAAEQTKLYQNPTTYISVGTSTLNQRLVPRIATRSKVNGQSGRMEFFWTILKPN
DAINFESNGNFIAPEYAYKIVKKGDSTIMKSELEYGNCNTKCQTPMGAINSSMPFHNIHPLTIGECPKYVKSNRLVLATG
LRNSPQRERRRKKR
;
A
2 'polypeptide(L)'
;GLFGAIAGFIEGGWQGMVDGWYGYHHSNEQGSGYAADKESTQKAIDGVTNKVNSIIDKMNTQFEAVGREFNNLERRIENL
NKKMEDGFLDVWTYNAELLVLMENERTLDFHDSNVKNLYDKVRLQLRDNAKELGNGCFEFYHKCDNECMESVRNGTYDYP
QYSEEARLKREEISSGR
;
B
#
loop_
_chem_comp.id
_chem_comp.type
_chem_comp.name
_chem_comp.formula
EZ7 non-polymer N-[2-(2-{4-[(R)-(2-methyl-2H-tetrazol-5-yl)(phenyl)methyl]piperazine-1-carbonyl}pyridin-4-yl)-1,3-benzoxazol-5-yl]acetamide 'C28 H27 N9 O3'
NAG D-saccharide, beta linking 2-acetamido-2-deoxy-beta-D-glucopyranose 'C8 H15 N O6'
PEG non-polymer DI(HYDROXYETHYL)ETHER 'C4 H10 O3'
#
# COMPACT_ATOMS: atom_id res chain seq x y z
N ASP A 2 -65.07 -15.38 -16.40
CA ASP A 2 -64.55 -15.41 -15.04
C ASP A 2 -63.03 -15.35 -15.05
N PRO A 3 -62.45 -14.69 -14.03
CA PRO A 3 -61.00 -14.39 -14.05
C PRO A 3 -60.16 -15.66 -14.02
N GLY A 4 -59.39 -15.86 -15.09
CA GLY A 4 -58.49 -16.99 -15.16
C GLY A 4 -57.33 -16.90 -14.18
N ASP A 5 -56.71 -18.05 -13.95
CA ASP A 5 -55.51 -18.11 -13.13
C ASP A 5 -54.38 -17.34 -13.82
N GLN A 6 -53.47 -16.82 -13.01
CA GLN A 6 -52.36 -16.03 -13.52
C GLN A 6 -51.04 -16.52 -12.95
N ILE A 7 -49.99 -16.42 -13.76
CA ILE A 7 -48.63 -16.51 -13.30
C ILE A 7 -47.87 -15.32 -13.88
N CYS A 8 -47.03 -14.71 -13.04
CA CYS A 8 -46.29 -13.51 -13.40
C CYS A 8 -44.81 -13.71 -13.13
N ILE A 9 -43.99 -13.09 -13.97
CA ILE A 9 -42.54 -13.03 -13.80
C ILE A 9 -42.19 -11.64 -13.28
N GLY A 10 -41.30 -11.59 -12.29
CA GLY A 10 -40.93 -10.33 -11.67
C GLY A 10 -39.52 -10.42 -11.13
N TYR A 11 -39.09 -9.34 -10.50
CA TYR A 11 -37.75 -9.25 -9.95
C TYR A 11 -37.83 -8.57 -8.59
N HIS A 12 -36.74 -8.66 -7.86
CA HIS A 12 -36.65 -8.23 -6.46
C HIS A 12 -36.53 -6.71 -6.36
N ALA A 13 -37.20 -6.13 -5.37
CA ALA A 13 -36.97 -4.74 -4.97
C ALA A 13 -36.88 -4.68 -3.46
N ASN A 14 -36.08 -3.76 -2.94
CA ASN A 14 -36.02 -3.63 -1.50
C ASN A 14 -35.87 -2.14 -1.15
N ASN A 15 -35.54 -1.88 0.12
CA ASN A 15 -35.43 -0.53 0.65
C ASN A 15 -34.01 0.01 0.58
N SER A 16 -33.16 -0.60 -0.24
CA SER A 16 -31.76 -0.23 -0.30
C SER A 16 -31.56 1.11 -1.00
N THR A 17 -30.63 1.91 -0.47
CA THR A 17 -30.28 3.20 -1.04
C THR A 17 -28.86 3.24 -1.57
N GLU A 18 -28.16 2.11 -1.55
CA GLU A 18 -26.84 2.01 -2.18
C GLU A 18 -26.92 2.38 -3.66
N GLN A 19 -25.94 3.17 -4.10
CA GLN A 19 -25.86 3.68 -5.46
C GLN A 19 -24.53 3.27 -6.09
N VAL A 20 -24.56 3.05 -7.41
CA VAL A 20 -23.36 2.81 -8.20
C VAL A 20 -23.39 3.70 -9.43
N ASP A 21 -22.26 3.75 -10.12
CA ASP A 21 -22.11 4.50 -11.35
C ASP A 21 -21.83 3.55 -12.51
N THR A 22 -22.16 4.02 -13.70
CA THR A 22 -21.91 3.36 -14.98
C THR A 22 -21.42 4.41 -15.97
N ILE A 23 -21.02 3.94 -17.15
CA ILE A 23 -20.63 4.87 -18.20
C ILE A 23 -21.75 5.85 -18.52
N MET A 24 -22.97 5.35 -18.69
CA MET A 24 -24.05 6.18 -19.17
C MET A 24 -24.87 6.82 -18.06
N GLU A 25 -24.70 6.40 -16.81
CA GLU A 25 -25.57 6.93 -15.78
C GLU A 25 -24.87 6.89 -14.43
N LYS A 26 -25.09 7.92 -13.61
CA LYS A 26 -24.54 8.03 -12.27
C LYS A 26 -25.64 7.91 -11.22
N ASN A 27 -25.27 7.42 -10.04
CA ASN A 27 -26.17 7.43 -8.89
C ASN A 27 -27.38 6.54 -9.15
N VAL A 28 -27.11 5.34 -9.67
CA VAL A 28 -28.12 4.30 -9.90
C VAL A 28 -28.33 3.55 -8.59
N THR A 29 -29.51 3.67 -7.99
CA THR A 29 -29.83 2.87 -6.81
C THR A 29 -29.98 1.41 -7.18
N VAL A 30 -29.30 0.53 -6.43
CA VAL A 30 -29.30 -0.90 -6.70
C VAL A 30 -29.76 -1.64 -5.45
N THR A 31 -30.22 -2.87 -5.64
CA THR A 31 -30.66 -3.64 -4.49
C THR A 31 -29.51 -4.15 -3.66
N HIS A 32 -28.34 -4.36 -4.28
N HIS A 32 -28.35 -4.37 -4.28
CA HIS A 32 -27.18 -4.88 -3.57
CA HIS A 32 -27.18 -4.88 -3.57
C HIS A 32 -25.92 -4.32 -4.21
C HIS A 32 -25.93 -4.33 -4.21
N ALA A 33 -24.93 -4.00 -3.39
CA ALA A 33 -23.65 -3.51 -3.89
C ALA A 33 -22.53 -3.92 -2.95
N GLN A 34 -21.31 -3.86 -3.46
N GLN A 34 -21.31 -3.88 -3.46
CA GLN A 34 -20.10 -4.19 -2.71
CA GLN A 34 -20.11 -4.19 -2.69
C GLN A 34 -19.12 -3.03 -2.84
C GLN A 34 -19.12 -3.04 -2.83
N ASP A 35 -18.93 -2.30 -1.74
CA ASP A 35 -17.88 -1.29 -1.68
C ASP A 35 -16.53 -2.01 -1.63
N ILE A 36 -15.61 -1.64 -2.52
CA ILE A 36 -14.30 -2.29 -2.57
C ILE A 36 -13.16 -1.32 -2.28
N LEU A 37 -13.45 -0.13 -1.75
CA LEU A 37 -12.43 0.88 -1.51
C LEU A 37 -12.35 1.18 -0.02
N GLU A 38 -11.18 0.92 0.57
CA GLU A 38 -10.92 1.27 1.96
C GLU A 38 -10.54 2.74 2.05
N LYS A 39 -11.16 3.45 2.97
CA LYS A 39 -10.99 4.88 3.10
C LYS A 39 -10.59 5.32 4.51
N LYS A 40 -10.52 4.40 5.47
CA LYS A 40 -10.21 4.74 6.85
C LYS A 40 -8.89 4.12 7.31
N HIS A 41 -8.24 4.79 8.26
CA HIS A 41 -7.04 4.31 8.91
C HIS A 41 -7.05 4.76 10.38
N ASN A 42 -6.30 4.07 11.24
CA ASN A 42 -6.32 4.39 12.67
C ASN A 42 -5.42 5.57 13.04
N GLY A 43 -4.70 6.13 12.07
CA GLY A 43 -3.97 7.36 12.31
C GLY A 43 -2.79 7.22 13.25
N LYS A 44 -2.24 6.02 13.34
CA LYS A 44 -1.20 5.68 14.30
C LYS A 44 -0.08 4.89 13.61
N LEU A 45 1.11 4.98 14.20
CA LEU A 45 2.23 4.14 13.80
C LEU A 45 2.28 2.93 14.73
N CYS A 46 2.27 1.73 14.14
CA CYS A 46 2.07 0.49 14.87
C CYS A 46 3.15 -0.51 14.50
N ASP A 47 3.20 -1.59 15.28
CA ASP A 47 4.01 -2.75 14.94
C ASP A 47 3.54 -3.35 13.63
N LEU A 48 4.45 -4.03 12.94
CA LEU A 48 4.15 -4.71 11.68
C LEU A 48 4.28 -6.21 11.93
N ASP A 49 3.14 -6.88 12.05
CA ASP A 49 3.06 -8.30 12.42
C ASP A 49 3.92 -8.60 13.65
N GLY A 50 3.70 -7.81 14.70
CA GLY A 50 4.38 -8.00 15.96
C GLY A 50 5.72 -7.30 16.09
N VAL A 51 6.38 -6.95 14.99
CA VAL A 51 7.72 -6.39 15.00
C VAL A 51 7.63 -4.87 15.10
N LYS A 52 8.16 -4.31 16.18
CA LYS A 52 8.11 -2.88 16.38
C LYS A 52 8.96 -2.16 15.33
N PRO A 53 8.59 -0.95 14.94
CA PRO A 53 9.45 -0.15 14.07
C PRO A 53 10.51 0.60 14.87
N LEU A 54 11.57 0.99 14.16
CA LEU A 54 12.55 1.94 14.69
C LEU A 54 12.01 3.34 14.43
N ILE A 55 11.57 4.01 15.48
CA ILE A 55 11.07 5.38 15.37
C ILE A 55 12.17 6.30 15.88
N LEU A 56 12.82 7.02 14.95
CA LEU A 56 14.00 7.83 15.25
C LEU A 56 13.69 9.15 15.94
N ARG A 57 12.42 9.48 16.12
CA ARG A 57 11.97 10.68 16.85
C ARG A 57 12.62 11.91 16.21
N ASP A 58 13.47 12.65 16.91
CA ASP A 58 14.06 13.86 16.36
C ASP A 58 15.46 13.62 15.80
N CYS A 59 15.88 12.37 15.63
CA CYS A 59 17.18 12.07 15.06
C CYS A 59 17.04 11.65 13.60
N SER A 60 18.08 11.90 12.82
CA SER A 60 18.13 11.44 11.45
C SER A 60 18.95 10.16 11.35
N VAL A 61 18.87 9.53 10.18
CA VAL A 61 19.65 8.32 9.95
C VAL A 61 21.13 8.58 10.19
N ALA A 62 21.63 9.71 9.70
CA ALA A 62 23.03 10.04 9.91
C ALA A 62 23.33 10.25 11.39
N GLY A 63 22.47 11.00 12.09
CA GLY A 63 22.65 11.17 13.52
C GLY A 63 22.66 9.87 14.28
N TRP A 64 21.85 8.90 13.83
CA TRP A 64 21.81 7.59 14.45
C TRP A 64 23.10 6.82 14.21
N LEU A 65 23.46 6.62 12.94
CA LEU A 65 24.60 5.76 12.63
C LEU A 65 25.94 6.37 13.06
N LEU A 66 26.10 7.70 13.00
CA LEU A 66 27.36 8.30 13.47
C LEU A 66 27.47 8.40 14.98
N GLY A 67 26.34 8.44 15.68
CA GLY A 67 26.39 8.51 17.12
C GLY A 67 26.35 9.91 17.67
N ASN A 68 25.47 10.72 17.10
CA ASN A 68 25.14 12.02 17.67
C ASN A 68 24.85 11.85 19.16
N PRO A 69 25.49 12.62 20.04
CA PRO A 69 25.25 12.44 21.48
C PRO A 69 23.82 12.74 21.91
N MET A 70 23.06 13.54 21.15
CA MET A 70 21.63 13.75 21.39
C MET A 70 20.78 12.57 20.93
N CYS A 71 21.42 11.47 20.52
CA CYS A 71 20.75 10.31 19.95
C CYS A 71 21.15 9.03 20.70
N ASP A 72 21.47 9.17 21.98
CA ASP A 72 21.82 8.02 22.80
C ASP A 72 20.66 7.03 22.93
N GLU A 73 19.43 7.46 22.66
CA GLU A 73 18.31 6.51 22.62
C GLU A 73 18.55 5.39 21.62
N PHE A 74 19.44 5.59 20.65
CA PHE A 74 19.58 4.65 19.55
C PHE A 74 20.95 3.96 19.50
N ILE A 75 21.69 3.98 20.61
CA ILE A 75 23.02 3.36 20.67
C ILE A 75 22.96 1.88 20.29
N ASN A 76 21.88 1.18 20.66
CA ASN A 76 21.71 -0.23 20.29
C ASN A 76 20.21 -0.48 20.14
N VAL A 77 19.73 -0.49 18.90
CA VAL A 77 18.30 -0.64 18.68
C VAL A 77 18.02 -2.09 18.28
N PRO A 78 16.97 -2.69 18.82
CA PRO A 78 16.58 -4.04 18.41
C PRO A 78 16.14 -4.08 16.96
N GLU A 79 15.92 -5.31 16.49
CA GLU A 79 15.41 -5.52 15.15
C GLU A 79 14.13 -4.71 14.92
N TRP A 80 14.04 -4.09 13.75
CA TRP A 80 12.90 -3.28 13.41
C TRP A 80 12.20 -3.86 12.19
N SER A 81 10.94 -3.48 12.02
CA SER A 81 10.21 -3.84 10.82
C SER A 81 10.36 -2.77 9.76
N TYR A 82 10.23 -1.51 10.15
CA TYR A 82 10.46 -0.37 9.27
C TYR A 82 10.97 0.79 10.12
N ILE A 83 11.55 1.79 9.45
CA ILE A 83 12.14 2.95 10.12
C ILE A 83 11.27 4.16 9.85
N VAL A 84 11.11 5.02 10.85
CA VAL A 84 10.30 6.24 10.72
C VAL A 84 11.17 7.45 11.01
N GLU A 85 11.31 8.32 10.02
CA GLU A 85 12.13 9.52 10.13
C GLU A 85 11.28 10.75 9.86
N LYS A 86 11.45 11.80 10.66
CA LYS A 86 10.72 13.02 10.40
C LYS A 86 11.24 13.71 9.14
N ALA A 87 10.54 14.75 8.70
CA ALA A 87 10.94 15.43 7.47
C ALA A 87 12.26 16.17 7.66
N ASN A 88 12.41 16.88 8.77
CA ASN A 88 13.62 17.66 9.04
C ASN A 88 14.04 17.40 10.48
N PRO A 89 14.67 16.25 10.75
CA PRO A 89 15.10 15.96 12.12
C PRO A 89 16.07 17.01 12.60
N VAL A 90 15.93 17.40 13.86
CA VAL A 90 16.75 18.46 14.43
C VAL A 90 18.11 17.95 14.92
N ASN A 91 18.27 16.65 15.08
CA ASN A 91 19.54 16.07 15.54
C ASN A 91 20.12 15.29 14.37
N ASP A 92 20.93 15.98 13.56
CA ASP A 92 21.55 15.40 12.36
C ASP A 92 23.07 15.55 12.58
N LEU A 93 23.78 16.19 11.65
CA LEU A 93 25.21 16.44 11.84
C LEU A 93 25.35 17.65 12.76
N CYS A 94 25.54 17.38 14.06
CA CYS A 94 25.68 18.44 15.04
C CYS A 94 26.94 19.26 14.79
N TYR A 95 28.00 18.61 14.32
CA TYR A 95 29.12 19.30 13.72
C TYR A 95 28.87 19.37 12.22
N PRO A 96 28.83 20.55 11.63
CA PRO A 96 28.35 20.66 10.25
C PRO A 96 29.24 19.94 9.27
N GLY A 97 28.64 19.46 8.19
CA GLY A 97 29.42 18.79 7.16
C GLY A 97 28.50 18.15 6.15
N ASP A 98 28.96 17.03 5.62
CA ASP A 98 28.19 16.29 4.63
C ASP A 98 28.50 14.81 4.80
N PHE A 99 27.49 13.99 4.55
CA PHE A 99 27.62 12.55 4.51
C PHE A 99 27.75 12.14 3.04
N ASN A 100 28.84 11.44 2.72
CA ASN A 100 29.08 11.03 1.33
C ASN A 100 28.14 9.89 0.94
N ASP A 101 27.59 9.96 -0.28
CA ASP A 101 26.69 8.93 -0.83
C ASP A 101 25.62 8.55 0.18
N TYR A 102 25.02 9.57 0.78
CA TYR A 102 24.07 9.36 1.87
C TYR A 102 22.80 8.67 1.38
N GLU A 103 22.30 9.04 0.20
CA GLU A 103 21.04 8.47 -0.27
C GLU A 103 21.23 7.00 -0.61
N GLU A 104 22.36 6.64 -1.21
CA GLU A 104 22.66 5.23 -1.47
C GLU A 104 22.75 4.43 -0.16
N LEU A 105 23.27 5.03 0.92
CA LEU A 105 23.30 4.35 2.21
C LEU A 105 21.89 4.12 2.76
N LYS A 106 21.06 5.17 2.76
CA LYS A 106 19.67 4.98 3.15
C LYS A 106 18.99 3.90 2.31
N HIS A 107 19.34 3.82 1.03
CA HIS A 107 18.78 2.79 0.17
C HIS A 107 19.19 1.40 0.65
N LEU A 108 20.45 1.24 1.07
CA LEU A 108 20.83 -0.02 1.71
C LEU A 108 20.02 -0.28 2.96
N LEU A 109 19.72 0.79 3.72
CA LEU A 109 18.92 0.62 4.93
C LEU A 109 17.54 0.08 4.62
N SER A 110 17.02 0.39 3.43
CA SER A 110 15.73 -0.18 3.01
C SER A 110 15.76 -1.71 2.97
N ARG A 111 16.93 -2.33 3.04
CA ARG A 111 17.04 -3.79 2.91
C ARG A 111 17.61 -4.43 4.16
N ILE A 112 17.47 -3.78 5.31
CA ILE A 112 18.09 -4.24 6.56
C ILE A 112 17.08 -4.12 7.69
N ASN A 113 17.02 -5.14 8.55
CA ASN A 113 16.11 -5.15 9.69
C ASN A 113 16.80 -5.11 11.04
N HIS A 114 18.11 -5.36 11.11
CA HIS A 114 18.79 -5.38 12.40
C HIS A 114 20.28 -5.11 12.24
N PHE A 115 20.81 -4.30 13.14
CA PHE A 115 22.24 -4.07 13.27
C PHE A 115 22.71 -4.58 14.62
N GLU A 116 23.94 -5.09 14.63
CA GLU A 116 24.66 -5.39 15.86
C GLU A 116 25.90 -4.51 15.86
N LYS A 117 25.90 -3.46 16.67
CA LYS A 117 27.06 -2.58 16.78
C LYS A 117 28.19 -3.30 17.50
N ILE A 118 29.41 -3.21 16.93
CA ILE A 118 30.59 -3.83 17.51
C ILE A 118 31.75 -2.84 17.49
N GLN A 119 32.68 -3.04 18.41
CA GLN A 119 33.87 -2.20 18.49
C GLN A 119 34.98 -2.79 17.64
N ILE A 120 35.50 -2.00 16.70
CA ILE A 120 36.55 -2.44 15.80
C ILE A 120 37.90 -1.82 16.14
N ILE A 121 37.93 -0.54 16.52
CA ILE A 121 39.15 0.13 16.95
C ILE A 121 38.89 0.76 18.32
N PRO A 122 39.37 0.15 19.41
CA PRO A 122 39.12 0.73 20.73
C PRO A 122 39.71 2.12 20.85
N LYS A 123 39.03 2.96 21.62
CA LYS A 123 39.44 4.35 21.77
C LYS A 123 40.78 4.47 22.47
N SER A 124 41.21 3.44 23.21
CA SER A 124 42.45 3.50 23.97
C SER A 124 43.69 3.14 23.16
N SER A 125 43.54 2.43 22.04
CA SER A 125 44.70 1.90 21.32
C SER A 125 45.41 2.93 20.46
N TRP A 126 45.10 4.21 20.62
CA TRP A 126 45.77 5.29 19.89
C TRP A 126 46.86 5.85 20.80
N SER A 127 48.07 5.30 20.69
CA SER A 127 49.16 5.68 21.58
C SER A 127 49.93 6.91 21.10
N SER A 128 50.03 7.13 19.79
CA SER A 128 50.74 8.28 19.25
C SER A 128 49.86 9.49 19.02
N HIS A 129 48.56 9.40 19.33
CA HIS A 129 47.62 10.45 18.97
C HIS A 129 46.65 10.68 20.12
N GLU A 130 46.16 11.91 20.24
CA GLU A 130 45.18 12.23 21.28
C GLU A 130 43.79 11.83 20.79
N ALA A 131 43.16 10.91 21.53
CA ALA A 131 41.87 10.37 21.15
C ALA A 131 40.71 10.94 21.97
N SER A 132 40.95 11.45 23.17
CA SER A 132 39.89 11.95 24.03
C SER A 132 39.79 13.48 23.99
N LEU A 133 40.42 14.12 23.01
CA LEU A 133 40.35 15.57 22.88
C LEU A 133 39.47 16.00 21.71
N GLY A 134 39.06 15.09 20.85
CA GLY A 134 38.21 15.42 19.72
C GLY A 134 36.78 15.71 20.10
N VAL A 135 36.58 16.79 20.86
CA VAL A 135 35.26 17.23 21.27
C VAL A 135 35.02 18.65 20.78
N SER A 136 33.74 18.98 20.64
CA SER A 136 33.29 20.29 20.21
C SER A 136 32.05 20.69 21.00
N SER A 137 31.85 22.01 21.07
CA SER A 137 30.63 22.58 21.63
C SER A 137 29.44 22.50 20.68
N ALA A 138 29.69 22.24 19.39
CA ALA A 138 28.59 22.04 18.46
C ALA A 138 27.92 20.68 18.66
N CYS A 139 28.58 19.75 19.36
CA CYS A 139 27.99 18.45 19.67
C CYS A 139 27.90 18.30 21.19
N PRO A 140 27.05 19.10 21.84
CA PRO A 140 26.97 19.07 23.30
C PRO A 140 26.24 17.85 23.82
N TYR A 141 26.66 17.44 25.02
CA TYR A 141 26.00 16.39 25.77
C TYR A 141 25.98 16.82 27.23
N GLN A 142 24.78 16.98 27.77
CA GLN A 142 24.60 17.33 29.19
C GLN A 142 25.35 18.59 29.58
N GLY A 143 25.44 19.53 28.63
CA GLY A 143 26.04 20.81 28.89
C GLY A 143 27.53 20.87 28.69
N LYS A 144 28.14 19.76 28.25
CA LYS A 144 29.57 19.65 28.04
C LYS A 144 29.82 19.26 26.59
N SER A 145 30.98 19.69 26.09
CA SER A 145 31.35 19.41 24.71
C SER A 145 31.58 17.92 24.52
N SER A 146 31.17 17.42 23.36
CA SER A 146 31.26 15.99 23.06
C SER A 146 31.41 15.85 21.54
N PHE A 147 31.03 14.70 20.99
CA PHE A 147 31.24 14.42 19.57
C PHE A 147 30.43 13.17 19.23
N PHE A 148 30.45 12.80 17.96
CA PHE A 148 29.84 11.56 17.52
C PHE A 148 30.46 10.38 18.25
N ARG A 149 29.63 9.52 18.82
CA ARG A 149 30.13 8.47 19.71
C ARG A 149 30.76 7.29 18.98
N ASN A 150 30.46 7.09 17.69
CA ASN A 150 30.92 5.92 16.96
C ASN A 150 32.21 6.16 16.20
N VAL A 151 32.70 7.40 16.15
CA VAL A 151 33.92 7.77 15.45
C VAL A 151 34.75 8.62 16.40
N VAL A 152 36.06 8.64 16.17
CA VAL A 152 37.03 9.24 17.08
C VAL A 152 37.74 10.37 16.33
N TRP A 153 37.58 11.59 16.82
CA TRP A 153 38.29 12.74 16.27
C TRP A 153 39.70 12.76 16.87
N LEU A 154 40.71 12.43 16.06
CA LEU A 154 42.08 12.35 16.52
C LEU A 154 42.80 13.68 16.38
N ILE A 155 43.63 14.01 17.39
CA ILE A 155 44.35 15.27 17.48
C ILE A 155 45.84 14.97 17.72
N LYS A 156 46.69 15.92 17.30
CA LYS A 156 48.13 15.79 17.43
C LYS A 156 48.54 15.62 18.89
N LYS A 157 49.67 14.96 19.09
CA LYS A 157 50.18 14.72 20.43
C LYS A 157 51.61 15.22 20.54
N ASN A 158 51.84 16.19 21.44
CA ASN A 158 53.15 16.83 21.60
C ASN A 158 53.61 17.49 20.30
N SER A 159 52.69 18.25 19.68
CA SER A 159 52.95 18.99 18.46
C SER A 159 53.46 18.11 17.33
N THR A 160 53.14 16.81 17.38
CA THR A 160 53.50 15.84 16.36
C THR A 160 52.28 14.99 16.03
N TYR A 161 52.18 14.59 14.76
CA TYR A 161 51.12 13.70 14.30
C TYR A 161 51.79 12.62 13.47
N PRO A 162 52.14 11.48 14.09
CA PRO A 162 52.78 10.40 13.35
C PRO A 162 51.84 9.78 12.33
N THR A 163 52.43 9.19 11.30
CA THR A 163 51.66 8.53 10.27
C THR A 163 50.88 7.38 10.88
N ILE A 164 49.55 7.49 10.82
CA ILE A 164 48.67 6.40 11.22
C ILE A 164 48.64 5.36 10.11
N LYS A 165 48.90 4.10 10.48
CA LYS A 165 48.75 2.93 9.62
C LYS A 165 48.02 1.88 10.45
N ARG A 166 46.72 1.67 10.18
CA ARG A 166 45.92 0.71 10.93
C ARG A 166 45.09 -0.12 9.96
N SER A 167 44.75 -1.35 10.37
CA SER A 167 43.96 -2.25 9.54
C SER A 167 42.98 -3.04 10.39
N TYR A 168 41.81 -3.31 9.83
CA TYR A 168 40.83 -4.17 10.48
C TYR A 168 40.40 -5.28 9.53
N ASN A 169 40.42 -6.51 10.02
CA ASN A 169 40.04 -7.68 9.26
C ASN A 169 38.66 -8.10 9.71
N ASN A 170 37.73 -8.22 8.75
CA ASN A 170 36.35 -8.62 9.08
C ASN A 170 36.32 -10.11 9.31
N THR A 171 36.58 -10.50 10.56
CA THR A 171 36.50 -11.91 10.94
C THR A 171 35.06 -12.38 11.11
N ASN A 172 34.13 -11.47 11.41
CA ASN A 172 32.74 -11.84 11.55
C ASN A 172 32.24 -12.51 10.27
N GLN A 173 31.23 -13.36 10.42
CA GLN A 173 30.67 -14.05 9.27
C GLN A 173 29.73 -13.16 8.48
N GLU A 174 29.44 -11.95 8.96
CA GLU A 174 28.49 -11.06 8.33
C GLU A 174 29.21 -9.87 7.70
N ASP A 175 28.52 -9.23 6.77
CA ASP A 175 28.94 -7.95 6.21
C ASP A 175 29.00 -6.90 7.31
N LEU A 176 29.88 -5.92 7.12
CA LEU A 176 30.09 -4.89 8.12
C LEU A 176 29.97 -3.51 7.47
N LEU A 177 29.12 -2.67 8.03
CA LEU A 177 29.09 -1.26 7.65
C LEU A 177 30.16 -0.52 8.45
N VAL A 178 31.11 0.10 7.74
CA VAL A 178 32.22 0.83 8.38
C VAL A 178 32.11 2.31 8.00
N LEU A 179 32.23 3.18 9.02
CA LEU A 179 32.08 4.62 8.88
C LEU A 179 33.37 5.31 9.32
N TRP A 180 33.75 6.38 8.62
CA TRP A 180 34.87 7.23 9.05
C TRP A 180 34.65 8.63 8.49
N GLY A 181 35.66 9.47 8.57
CA GLY A 181 35.48 10.83 8.09
C GLY A 181 36.78 11.61 8.07
N ILE A 182 36.69 12.81 7.53
CA ILE A 182 37.82 13.72 7.42
C ILE A 182 37.36 15.10 7.85
N HIS A 183 38.28 15.87 8.41
CA HIS A 183 38.01 17.20 8.94
C HIS A 183 38.61 18.25 8.02
N HIS A 184 37.76 19.14 7.50
CA HIS A 184 38.14 20.29 6.69
C HIS A 184 38.20 21.53 7.58
N PRO A 185 39.36 21.99 7.99
CA PRO A 185 39.46 23.13 8.91
C PRO A 185 39.30 24.47 8.19
N ASN A 186 39.29 25.55 8.97
CA ASN A 186 39.04 26.88 8.42
C ASN A 186 40.22 27.41 7.62
N ASP A 187 41.41 27.43 8.22
CA ASP A 187 42.60 28.01 7.60
C ASP A 187 43.83 27.21 8.02
N ALA A 188 45.01 27.62 7.52
CA ALA A 188 46.26 26.92 7.83
C ALA A 188 46.60 26.98 9.32
N ALA A 189 46.24 28.08 9.99
CA ALA A 189 46.53 28.18 11.41
C ALA A 189 45.84 27.08 12.19
N GLU A 190 44.57 26.80 11.87
CA GLU A 190 43.87 25.70 12.54
C GLU A 190 44.46 24.35 12.17
N GLN A 191 44.83 24.15 10.90
CA GLN A 191 45.44 22.91 10.49
C GLN A 191 46.69 22.61 11.32
N THR A 192 47.59 23.59 11.43
CA THR A 192 48.77 23.40 12.26
C THR A 192 48.40 23.22 13.73
N LYS A 193 47.45 24.03 14.22
CA LYS A 193 47.00 23.94 15.60
C LYS A 193 46.63 22.51 15.99
N LEU A 194 45.84 21.84 15.13
CA LEU A 194 45.26 20.54 15.44
C LEU A 194 46.10 19.34 15.00
N TYR A 195 46.74 19.41 13.84
CA TYR A 195 47.42 18.24 13.28
C TYR A 195 48.88 18.49 12.93
N GLN A 196 49.42 19.67 13.25
CA GLN A 196 50.82 20.02 12.98
C GLN A 196 51.16 20.03 11.50
N ASN A 197 50.95 18.90 10.84
CA ASN A 197 51.43 18.72 9.48
C ASN A 197 50.66 19.61 8.52
N PRO A 198 51.34 20.43 7.72
CA PRO A 198 50.61 21.35 6.81
C PRO A 198 49.79 20.63 5.75
N THR A 199 50.38 19.70 5.02
CA THR A 199 49.66 18.96 4.00
C THR A 199 49.43 17.54 4.50
N THR A 200 48.16 17.12 4.48
CA THR A 200 47.75 15.83 5.03
C THR A 200 46.88 15.09 4.01
N TYR A 201 46.56 13.84 4.34
CA TYR A 201 45.75 12.97 3.49
C TYR A 201 45.21 11.82 4.33
N ILE A 202 44.27 11.10 3.75
CA ILE A 202 43.66 9.91 4.35
C ILE A 202 43.47 8.88 3.23
N SER A 203 44.29 7.84 3.20
CA SER A 203 44.16 6.78 2.21
C SER A 203 43.42 5.60 2.85
N VAL A 204 42.37 5.13 2.18
CA VAL A 204 41.54 4.03 2.66
C VAL A 204 41.47 2.97 1.58
N GLY A 205 41.74 1.73 1.94
CA GLY A 205 41.72 0.67 0.94
C GLY A 205 41.13 -0.63 1.43
N THR A 206 40.33 -1.26 0.56
CA THR A 206 39.83 -2.61 0.83
C THR A 206 40.16 -3.49 -0.36
N SER A 207 39.39 -4.56 -0.54
CA SER A 207 39.54 -5.38 -1.74
C SER A 207 39.06 -4.63 -2.98
N THR A 208 38.20 -3.64 -2.80
CA THR A 208 37.58 -2.88 -3.87
C THR A 208 37.82 -1.37 -3.76
N LEU A 209 37.99 -0.85 -2.55
CA LEU A 209 38.14 0.58 -2.33
C LEU A 209 39.58 1.01 -2.56
N ASN A 210 39.75 2.18 -3.16
CA ASN A 210 41.04 2.82 -3.41
C ASN A 210 40.83 4.32 -3.26
N GLN A 211 40.89 4.79 -2.02
CA GLN A 211 40.51 6.14 -1.66
C GLN A 211 41.71 6.90 -1.13
N ARG A 212 41.74 8.20 -1.43
CA ARG A 212 42.76 9.11 -0.89
C ARG A 212 42.10 10.49 -0.79
N LEU A 213 41.74 10.89 0.42
CA LEU A 213 41.06 12.14 0.68
C LEU A 213 42.06 13.20 1.13
N VAL A 214 41.84 14.43 0.71
CA VAL A 214 42.69 15.56 1.11
C VAL A 214 41.80 16.64 1.72
N PRO A 215 42.17 17.19 2.87
CA PRO A 215 41.38 18.25 3.51
C PRO A 215 41.37 19.52 2.67
N ARG A 216 40.18 19.93 2.23
CA ARG A 216 40.00 21.18 1.51
C ARG A 216 39.81 22.30 2.53
N ILE A 217 40.51 23.40 2.31
CA ILE A 217 40.46 24.55 3.20
C ILE A 217 39.68 25.67 2.50
N ALA A 218 38.77 26.29 3.23
CA ALA A 218 37.98 27.39 2.70
C ALA A 218 37.37 28.13 3.87
N THR A 219 37.03 29.39 3.63
CA THR A 219 36.41 30.23 4.63
C THR A 219 34.91 30.12 4.46
N ARG A 220 34.24 29.50 5.42
CA ARG A 220 32.84 29.15 5.27
C ARG A 220 32.02 29.80 6.37
N SER A 221 30.71 29.84 6.14
CA SER A 221 29.79 30.39 7.11
C SER A 221 29.71 29.48 8.34
N LYS A 222 29.51 30.10 9.50
CA LYS A 222 29.36 29.34 10.74
C LYS A 222 28.01 28.64 10.77
N VAL A 223 28.03 27.33 10.93
CA VAL A 223 26.84 26.51 11.06
C VAL A 223 26.91 25.80 12.40
N ASN A 224 25.87 25.94 13.20
CA ASN A 224 25.92 25.53 14.61
C ASN A 224 27.21 25.99 15.26
N GLY A 225 27.64 27.21 14.94
CA GLY A 225 28.80 27.81 15.57
C GLY A 225 30.15 27.39 15.05
N GLN A 226 30.20 26.64 13.94
CA GLN A 226 31.44 26.11 13.41
C GLN A 226 31.58 26.45 11.94
N SER A 227 32.79 26.83 11.53
CA SER A 227 33.12 27.10 10.14
C SER A 227 33.94 26.00 9.50
N GLY A 228 34.63 25.17 10.29
CA GLY A 228 35.14 23.91 9.80
C GLY A 228 34.00 22.95 9.42
N ARG A 229 34.38 21.86 8.75
CA ARG A 229 33.41 20.90 8.23
C ARG A 229 33.91 19.48 8.45
N MET A 230 32.98 18.55 8.53
CA MET A 230 33.28 17.13 8.66
C MET A 230 32.63 16.40 7.49
N GLU A 231 33.43 15.69 6.70
CA GLU A 231 32.91 14.90 5.58
C GLU A 231 33.04 13.43 5.95
N PHE A 232 31.91 12.74 5.99
CA PHE A 232 31.88 11.36 6.45
C PHE A 232 31.72 10.40 5.28
N PHE A 233 32.21 9.18 5.49
CA PHE A 233 32.30 8.18 4.45
C PHE A 233 31.90 6.84 5.04
N TRP A 234 31.47 5.93 4.16
CA TRP A 234 31.07 4.60 4.57
C TRP A 234 31.52 3.61 3.52
N THR A 235 31.56 2.34 3.92
CA THR A 235 31.73 1.25 2.98
C THR A 235 31.21 -0.01 3.63
N ILE A 236 31.09 -1.07 2.83
CA ILE A 236 30.66 -2.37 3.28
C ILE A 236 31.85 -3.31 3.19
N LEU A 237 32.46 -3.59 4.33
CA LEU A 237 33.55 -4.55 4.42
C LEU A 237 32.97 -5.96 4.41
N LYS A 238 33.35 -6.74 3.41
CA LYS A 238 32.82 -8.08 3.26
C LYS A 238 33.52 -9.03 4.22
N PRO A 239 32.92 -10.17 4.53
CA PRO A 239 33.59 -11.14 5.41
C PRO A 239 34.92 -11.57 4.82
N ASN A 240 35.91 -11.75 5.71
CA ASN A 240 37.28 -12.13 5.38
C ASN A 240 38.00 -11.07 4.55
N ASP A 241 37.47 -9.85 4.50
CA ASP A 241 38.16 -8.72 3.91
C ASP A 241 38.68 -7.80 5.00
N ALA A 242 39.66 -6.98 4.66
CA ALA A 242 40.22 -6.01 5.58
C ALA A 242 40.20 -4.62 4.97
N ILE A 243 40.10 -3.63 5.84
CA ILE A 243 40.16 -2.22 5.49
C ILE A 243 41.43 -1.65 6.09
N ASN A 244 42.12 -0.79 5.33
CA ASN A 244 43.38 -0.21 5.73
C ASN A 244 43.27 1.31 5.68
N PHE A 245 43.68 1.95 6.77
CA PHE A 245 43.73 3.39 6.90
C PHE A 245 45.18 3.84 7.05
N GLU A 246 45.52 4.92 6.34
CA GLU A 246 46.77 5.63 6.55
C GLU A 246 46.42 7.12 6.56
N SER A 247 47.02 7.88 7.48
CA SER A 247 46.72 9.31 7.54
C SER A 247 47.73 10.02 8.43
N ASN A 248 48.13 11.23 8.02
CA ASN A 248 48.93 12.09 8.87
C ASN A 248 48.14 13.30 9.38
N GLY A 249 46.82 13.22 9.41
CA GLY A 249 46.01 14.24 10.05
C GLY A 249 44.62 14.30 9.48
N ASN A 250 43.76 15.06 10.19
CA ASN A 250 42.40 15.36 9.73
C ASN A 250 41.53 14.10 9.65
N PHE A 251 41.89 13.08 10.42
CA PHE A 251 41.29 11.76 10.35
C PHE A 251 40.27 11.57 11.47
N ILE A 252 39.02 11.30 11.07
CA ILE A 252 37.97 10.92 12.01
C ILE A 252 37.89 9.39 11.93
N ALA A 253 38.61 8.72 12.83
CA ALA A 253 38.79 7.27 12.74
C ALA A 253 37.54 6.52 13.17
N PRO A 254 37.34 5.30 12.69
CA PRO A 254 36.25 4.47 13.21
C PRO A 254 36.53 4.10 14.66
N GLU A 255 35.45 3.86 15.39
CA GLU A 255 35.52 3.21 16.69
C GLU A 255 34.54 2.04 16.70
N TYR A 256 33.27 2.31 16.39
CA TYR A 256 32.26 1.27 16.27
C TYR A 256 31.84 1.13 14.82
N ALA A 257 31.56 -0.10 14.42
CA ALA A 257 31.04 -0.42 13.11
C ALA A 257 29.81 -1.30 13.29
N TYR A 258 28.98 -1.38 12.24
CA TYR A 258 27.67 -2.04 12.34
C TYR A 258 27.68 -3.36 11.58
N LYS A 259 27.41 -4.44 12.31
CA LYS A 259 27.27 -5.78 11.72
C LYS A 259 25.83 -5.96 11.22
N ILE A 260 25.67 -6.24 9.92
CA ILE A 260 24.34 -6.43 9.33
C ILE A 260 23.88 -7.85 9.62
N VAL A 261 23.19 -8.05 10.73
CA VAL A 261 22.86 -9.41 11.16
C VAL A 261 21.64 -9.95 10.42
N LYS A 262 20.67 -9.11 10.06
CA LYS A 262 19.44 -9.57 9.44
C LYS A 262 19.10 -8.67 8.25
N LYS A 263 19.14 -9.24 7.04
CA LYS A 263 18.60 -8.55 5.88
C LYS A 263 17.15 -8.98 5.66
N GLY A 264 16.39 -8.11 5.01
CA GLY A 264 15.01 -8.45 4.67
C GLY A 264 14.31 -7.25 4.08
N ASP A 265 12.97 -7.28 4.13
CA ASP A 265 12.13 -6.23 3.59
C ASP A 265 11.90 -5.15 4.64
N SER A 266 12.28 -3.92 4.31
CA SER A 266 12.12 -2.79 5.21
C SER A 266 11.91 -1.55 4.35
N THR A 267 11.71 -0.42 5.01
CA THR A 267 11.55 0.84 4.29
C THR A 267 11.82 1.97 5.27
N ILE A 268 12.14 3.12 4.72
CA ILE A 268 12.21 4.35 5.51
C ILE A 268 10.99 5.20 5.20
N MET A 269 10.22 5.49 6.24
CA MET A 269 8.91 6.12 6.15
C MET A 269 9.01 7.53 6.72
N LYS A 270 8.65 8.52 5.92
CA LYS A 270 8.63 9.91 6.34
C LYS A 270 7.31 10.22 7.03
N SER A 271 7.37 10.55 8.31
CA SER A 271 6.14 10.84 9.04
C SER A 271 6.49 11.61 10.31
N GLU A 272 5.58 12.50 10.70
CA GLU A 272 5.74 13.26 11.92
C GLU A 272 5.08 12.59 13.11
N LEU A 273 4.43 11.44 12.90
CA LEU A 273 3.75 10.70 13.96
C LEU A 273 4.78 9.95 14.81
N GLU A 274 4.34 9.51 15.99
CA GLU A 274 5.19 8.71 16.86
C GLU A 274 4.51 7.35 17.11
N TYR A 275 5.05 6.60 18.07
CA TYR A 275 4.57 5.25 18.33
C TYR A 275 3.15 5.27 18.90
N GLY A 276 2.31 4.35 18.44
CA GLY A 276 0.92 4.33 18.84
C GLY A 276 0.52 3.17 19.73
N ASN A 277 1.45 2.26 20.03
CA ASN A 277 1.19 1.06 20.83
C ASN A 277 0.02 0.26 20.25
N CYS A 278 0.20 -0.18 19.02
CA CYS A 278 -0.80 -0.97 18.30
C CYS A 278 -0.06 -1.97 17.42
N ASN A 279 -0.83 -2.85 16.78
CA ASN A 279 -0.30 -3.84 15.86
C ASN A 279 -1.15 -3.81 14.59
N THR A 280 -0.50 -4.06 13.46
CA THR A 280 -1.15 -4.03 12.16
C THR A 280 -0.38 -4.91 11.20
N LYS A 281 -1.04 -5.28 10.11
CA LYS A 281 -0.39 -5.98 9.02
C LYS A 281 -0.16 -5.08 7.82
N CYS A 282 -0.62 -3.84 7.89
CA CYS A 282 -0.47 -2.90 6.80
C CYS A 282 -0.32 -1.49 7.37
N GLN A 283 0.78 -0.82 7.01
CA GLN A 283 1.15 0.47 7.61
C GLN A 283 1.43 1.49 6.53
N THR A 284 0.88 2.69 6.74
CA THR A 284 1.13 3.87 5.92
C THR A 284 1.74 4.96 6.80
N PRO A 285 2.34 6.00 6.19
CA PRO A 285 2.89 7.10 7.00
C PRO A 285 1.83 7.96 7.69
N MET A 286 0.55 7.79 7.35
CA MET A 286 -0.56 8.47 8.00
C MET A 286 -1.25 7.65 9.05
N GLY A 287 -1.03 6.34 9.06
CA GLY A 287 -1.77 5.43 9.90
C GLY A 287 -1.85 4.06 9.28
N ALA A 288 -2.23 3.10 10.12
CA ALA A 288 -2.30 1.68 9.83
C ALA A 288 -3.66 1.29 9.23
N ILE A 289 -3.65 0.21 8.44
CA ILE A 289 -4.85 -0.25 7.74
C ILE A 289 -5.16 -1.68 8.18
N ASN A 290 -6.39 -1.91 8.61
CA ASN A 290 -6.93 -3.24 8.93
C ASN A 290 -8.18 -3.40 8.07
N SER A 291 -8.05 -4.09 6.94
CA SER A 291 -9.15 -4.08 5.98
C SER A 291 -9.11 -5.32 5.09
N SER A 292 -10.30 -5.81 4.74
CA SER A 292 -10.45 -6.91 3.79
C SER A 292 -10.74 -6.45 2.37
N MET A 293 -10.99 -5.17 2.16
CA MET A 293 -11.26 -4.64 0.83
C MET A 293 -10.01 -4.61 -0.02
N PRO A 294 -10.14 -4.83 -1.33
CA PRO A 294 -8.96 -4.98 -2.20
C PRO A 294 -8.25 -3.69 -2.54
N PHE A 295 -8.87 -2.54 -2.33
CA PHE A 295 -8.28 -1.26 -2.68
C PHE A 295 -8.35 -0.32 -1.49
N HIS A 296 -7.50 0.71 -1.53
CA HIS A 296 -7.48 1.73 -0.49
C HIS A 296 -6.98 3.01 -1.13
N ASN A 297 -7.30 4.14 -0.51
CA ASN A 297 -6.80 5.41 -1.05
C ASN A 297 -6.06 6.24 0.01
N ILE A 298 -5.48 5.56 1.01
CA ILE A 298 -4.94 6.29 2.17
C ILE A 298 -3.65 7.01 1.80
N HIS A 299 -2.67 6.26 1.27
CA HIS A 299 -1.34 6.78 0.94
C HIS A 299 -0.64 5.76 0.06
N PRO A 300 0.05 6.18 -1.01
CA PRO A 300 0.69 5.19 -1.91
C PRO A 300 1.84 4.42 -1.29
N LEU A 301 2.53 5.00 -0.32
CA LEU A 301 3.71 4.32 0.26
C LEU A 301 3.23 3.51 1.46
N THR A 302 3.18 2.19 1.32
CA THR A 302 2.75 1.32 2.39
C THR A 302 3.76 0.21 2.56
N ILE A 303 3.64 -0.49 3.68
CA ILE A 303 4.41 -1.70 3.90
C ILE A 303 3.52 -2.70 4.59
N GLY A 304 3.74 -3.97 4.33
CA GLY A 304 2.97 -5.05 4.91
C GLY A 304 2.03 -5.68 3.88
N GLU A 305 1.04 -6.41 4.40
CA GLU A 305 0.02 -7.07 3.58
C GLU A 305 -1.11 -6.06 3.32
N CYS A 306 -1.09 -5.42 2.15
CA CYS A 306 -1.89 -4.22 1.99
C CYS A 306 -2.86 -4.32 0.82
N PRO A 307 -3.96 -3.58 0.87
CA PRO A 307 -4.77 -3.39 -0.34
C PRO A 307 -3.98 -2.59 -1.36
N LYS A 308 -4.46 -2.60 -2.60
CA LYS A 308 -3.82 -1.85 -3.67
C LYS A 308 -4.29 -0.40 -3.64
N TYR A 309 -3.36 0.52 -3.77
CA TYR A 309 -3.67 1.93 -3.65
C TYR A 309 -4.23 2.49 -4.95
N VAL A 310 -5.26 3.31 -4.85
CA VAL A 310 -5.79 4.06 -5.99
C VAL A 310 -6.08 5.48 -5.54
N LYS A 311 -6.09 6.42 -6.49
CA LYS A 311 -6.44 7.78 -6.11
C LYS A 311 -7.95 8.02 -6.11
N SER A 312 -8.77 6.99 -5.99
CA SER A 312 -10.21 7.17 -6.11
C SER A 312 -10.82 7.61 -4.80
N ASN A 313 -11.89 8.39 -4.91
CA ASN A 313 -12.74 8.68 -3.77
C ASN A 313 -13.86 7.64 -3.58
N ARG A 314 -14.12 6.79 -4.58
CA ARG A 314 -15.26 5.87 -4.49
C ARG A 314 -15.11 4.74 -5.51
N LEU A 315 -15.11 3.49 -5.03
CA LEU A 315 -15.17 2.30 -5.91
C LEU A 315 -16.23 1.35 -5.36
N VAL A 316 -17.37 1.27 -6.06
CA VAL A 316 -18.50 0.47 -5.60
C VAL A 316 -18.99 -0.35 -6.78
N LEU A 317 -19.04 -1.68 -6.60
CA LEU A 317 -19.50 -2.63 -7.61
C LEU A 317 -20.96 -2.96 -7.36
N ALA A 318 -21.79 -2.87 -8.42
CA ALA A 318 -23.14 -3.43 -8.33
C ALA A 318 -23.05 -4.94 -8.21
N THR A 319 -23.83 -5.50 -7.30
CA THR A 319 -24.00 -6.94 -7.36
C THR A 319 -25.45 -7.31 -7.62
N GLY A 320 -26.40 -6.55 -7.08
CA GLY A 320 -27.80 -6.73 -7.35
C GLY A 320 -28.22 -5.93 -8.57
N LEU A 321 -29.53 -5.67 -8.64
CA LEU A 321 -30.11 -5.09 -9.84
C LEU A 321 -30.71 -3.70 -9.55
N ARG A 322 -31.16 -3.01 -10.61
CA ARG A 322 -31.70 -1.66 -10.46
C ARG A 322 -32.89 -1.68 -9.50
N ASN A 323 -32.82 -0.85 -8.46
CA ASN A 323 -33.83 -0.86 -7.42
C ASN A 323 -34.88 0.20 -7.76
N SER A 324 -36.09 -0.24 -7.98
CA SER A 324 -37.19 0.64 -8.32
C SER A 324 -37.72 1.33 -7.06
N PRO A 325 -38.15 2.61 -7.17
CA PRO A 325 -38.61 3.40 -6.02
C PRO A 325 -39.92 2.89 -5.41
N GLY B 1 -33.23 -0.41 -19.55
CA GLY B 1 -32.18 -1.42 -19.63
C GLY B 1 -32.03 -1.92 -21.05
N LEU B 2 -30.90 -2.57 -21.35
CA LEU B 2 -30.70 -3.03 -22.73
C LEU B 2 -31.77 -4.04 -23.14
N PHE B 3 -32.30 -4.80 -22.19
CA PHE B 3 -33.13 -5.94 -22.52
C PHE B 3 -34.61 -5.68 -22.26
N GLY B 4 -34.97 -4.49 -21.76
CA GLY B 4 -36.36 -4.05 -21.79
C GLY B 4 -37.26 -4.70 -20.79
N ALA B 5 -36.75 -5.59 -19.92
CA ALA B 5 -37.59 -6.23 -18.93
C ALA B 5 -37.64 -5.41 -17.63
N ILE B 6 -36.48 -5.27 -16.97
CA ILE B 6 -36.44 -4.53 -15.71
C ILE B 6 -36.78 -3.07 -15.98
N ALA B 7 -37.67 -2.51 -15.15
CA ALA B 7 -38.21 -1.16 -15.35
C ALA B 7 -38.59 -0.91 -16.80
N GLY B 8 -39.04 -1.97 -17.49
CA GLY B 8 -39.45 -1.89 -18.87
C GLY B 8 -40.88 -2.37 -19.03
N PHE B 9 -41.09 -3.53 -19.65
CA PHE B 9 -42.45 -4.04 -19.72
C PHE B 9 -42.90 -4.66 -18.40
N ILE B 10 -41.96 -4.96 -17.50
CA ILE B 10 -42.28 -5.26 -16.12
C ILE B 10 -41.97 -3.97 -15.35
N GLU B 11 -43.01 -3.26 -14.92
CA GLU B 11 -42.83 -1.86 -14.59
C GLU B 11 -42.00 -1.65 -13.33
N GLY B 12 -42.14 -2.52 -12.33
CA GLY B 12 -41.43 -2.35 -11.08
C GLY B 12 -41.09 -3.68 -10.43
N GLY B 13 -40.29 -3.60 -9.35
CA GLY B 13 -39.91 -4.78 -8.61
C GLY B 13 -40.94 -5.18 -7.57
N TRP B 14 -40.72 -6.36 -6.98
CA TRP B 14 -41.60 -6.95 -5.98
C TRP B 14 -40.94 -6.85 -4.61
N GLN B 15 -41.41 -5.91 -3.77
CA GLN B 15 -40.92 -5.89 -2.40
C GLN B 15 -41.24 -7.18 -1.66
N GLY B 16 -42.27 -7.92 -2.09
CA GLY B 16 -42.73 -9.14 -1.45
C GLY B 16 -41.97 -10.41 -1.79
N MET B 17 -41.03 -10.38 -2.73
CA MET B 17 -40.20 -11.55 -3.03
C MET B 17 -38.82 -11.33 -2.41
N VAL B 18 -38.59 -11.93 -1.23
CA VAL B 18 -37.43 -11.62 -0.41
C VAL B 18 -36.30 -12.66 -0.52
N ASP B 19 -36.53 -13.82 -1.13
CA ASP B 19 -35.54 -14.91 -1.12
C ASP B 19 -34.87 -15.13 -2.47
N GLY B 20 -34.83 -14.12 -3.33
CA GLY B 20 -34.25 -14.31 -4.64
C GLY B 20 -34.35 -13.04 -5.45
N TRP B 21 -33.57 -13.01 -6.54
CA TRP B 21 -33.54 -11.86 -7.44
C TRP B 21 -34.66 -11.91 -8.48
N TYR B 22 -35.02 -13.09 -8.94
CA TYR B 22 -36.04 -13.27 -9.97
C TYR B 22 -37.01 -14.33 -9.50
N GLY B 23 -38.24 -14.26 -10.00
CA GLY B 23 -39.18 -15.30 -9.64
C GLY B 23 -40.56 -15.04 -10.20
N TYR B 24 -41.54 -15.62 -9.50
CA TYR B 24 -42.89 -15.71 -10.01
C TYR B 24 -43.87 -15.29 -8.93
N HIS B 25 -44.97 -14.70 -9.37
CA HIS B 25 -46.15 -14.53 -8.52
C HIS B 25 -47.26 -15.32 -9.20
N HIS B 26 -47.90 -16.20 -8.45
CA HIS B 26 -48.96 -17.01 -9.00
C HIS B 26 -50.27 -16.69 -8.27
N SER B 27 -51.36 -16.97 -8.98
CA SER B 27 -52.69 -16.65 -8.49
C SER B 27 -53.61 -17.69 -9.10
N ASN B 28 -54.14 -18.60 -8.30
CA ASN B 28 -55.07 -19.61 -8.79
C ASN B 28 -56.10 -19.87 -7.70
N GLU B 29 -56.94 -20.88 -7.93
CA GLU B 29 -58.03 -21.16 -7.00
C GLU B 29 -57.52 -21.58 -5.64
N GLN B 30 -56.33 -22.16 -5.58
CA GLN B 30 -55.76 -22.54 -4.29
C GLN B 30 -55.10 -21.38 -3.53
N GLY B 31 -55.05 -20.17 -4.13
CA GLY B 31 -54.48 -19.00 -3.47
C GLY B 31 -53.38 -18.39 -4.32
N SER B 32 -52.59 -17.51 -3.72
CA SER B 32 -51.60 -16.71 -4.45
C SER B 32 -50.33 -16.56 -3.62
N GLY B 33 -49.21 -16.30 -4.31
CA GLY B 33 -47.95 -16.19 -3.57
C GLY B 33 -46.76 -15.99 -4.49
N TYR B 34 -45.60 -15.73 -3.85
CA TYR B 34 -44.31 -15.51 -4.49
C TYR B 34 -43.42 -16.73 -4.38
N ALA B 35 -42.71 -17.05 -5.48
CA ALA B 35 -41.67 -18.07 -5.45
C ALA B 35 -40.47 -17.60 -6.25
N ALA B 36 -39.31 -17.48 -5.61
CA ALA B 36 -38.09 -17.16 -6.33
C ALA B 36 -37.67 -18.31 -7.23
N ASP B 37 -37.23 -17.99 -8.45
CA ASP B 37 -36.68 -19.01 -9.34
C ASP B 37 -35.24 -19.28 -8.96
N LYS B 38 -34.97 -20.47 -8.41
CA LYS B 38 -33.68 -20.71 -7.79
C LYS B 38 -32.57 -20.90 -8.82
N GLU B 39 -32.88 -21.52 -9.96
CA GLU B 39 -31.88 -21.79 -10.99
C GLU B 39 -31.31 -20.50 -11.59
N SER B 40 -32.19 -19.64 -12.10
CA SER B 40 -31.72 -18.39 -12.69
C SER B 40 -31.05 -17.51 -11.63
N THR B 41 -31.60 -17.49 -10.41
CA THR B 41 -30.96 -16.73 -9.34
C THR B 41 -29.56 -17.24 -9.07
N GLN B 42 -29.39 -18.57 -9.05
CA GLN B 42 -28.10 -19.15 -8.71
C GLN B 42 -27.08 -18.90 -9.83
N LYS B 43 -27.48 -19.07 -11.09
CA LYS B 43 -26.60 -18.68 -12.20
C LYS B 43 -26.17 -17.23 -12.06
N ALA B 44 -27.10 -16.34 -11.69
CA ALA B 44 -26.71 -14.94 -11.55
C ALA B 44 -25.69 -14.76 -10.42
N ILE B 45 -25.90 -15.44 -9.28
CA ILE B 45 -24.98 -15.33 -8.16
C ILE B 45 -23.58 -15.82 -8.56
N ASP B 46 -23.52 -16.98 -9.22
CA ASP B 46 -22.25 -17.48 -9.72
C ASP B 46 -21.60 -16.47 -10.67
N GLY B 47 -22.39 -15.90 -11.59
CA GLY B 47 -21.84 -14.96 -12.54
C GLY B 47 -21.20 -13.76 -11.86
N VAL B 48 -21.94 -13.14 -10.93
CA VAL B 48 -21.47 -11.92 -10.29
C VAL B 48 -20.29 -12.21 -9.36
N THR B 49 -20.33 -13.36 -8.68
CA THR B 49 -19.22 -13.79 -7.83
C THR B 49 -17.94 -13.92 -8.65
N ASN B 50 -18.03 -14.63 -9.78
CA ASN B 50 -16.87 -14.71 -10.66
C ASN B 50 -16.44 -13.33 -11.13
N LYS B 51 -17.39 -12.45 -11.42
CA LYS B 51 -16.98 -11.12 -11.88
C LYS B 51 -16.21 -10.35 -10.80
N VAL B 52 -16.67 -10.42 -9.54
CA VAL B 52 -16.00 -9.66 -8.49
C VAL B 52 -14.61 -10.23 -8.24
N ASN B 53 -14.52 -11.56 -8.11
CA ASN B 53 -13.22 -12.19 -7.94
C ASN B 53 -12.30 -11.89 -9.13
N SER B 54 -12.83 -11.90 -10.35
CA SER B 54 -11.97 -11.60 -11.50
C SER B 54 -11.45 -10.18 -11.43
N ILE B 55 -12.27 -9.25 -10.96
CA ILE B 55 -11.85 -7.86 -10.87
C ILE B 55 -10.73 -7.71 -9.83
N ILE B 56 -10.91 -8.34 -8.66
CA ILE B 56 -9.89 -8.31 -7.62
C ILE B 56 -8.61 -8.99 -8.10
N ASP B 57 -8.73 -10.16 -8.74
CA ASP B 57 -7.53 -10.91 -9.13
C ASP B 57 -6.80 -10.26 -10.29
N LYS B 58 -7.50 -9.59 -11.21
CA LYS B 58 -6.78 -8.87 -12.25
C LYS B 58 -6.06 -7.66 -11.68
N MET B 59 -6.60 -7.05 -10.62
CA MET B 59 -5.87 -5.96 -9.99
C MET B 59 -4.78 -6.44 -9.02
N ASN B 60 -4.44 -7.73 -9.06
CA ASN B 60 -3.49 -8.30 -8.11
C ASN B 60 -2.09 -7.77 -8.33
N THR B 61 -1.66 -7.71 -9.59
CA THR B 61 -0.30 -7.34 -9.94
C THR B 61 -0.25 -5.89 -10.42
N GLN B 62 -0.56 -4.97 -9.52
CA GLN B 62 -0.50 -3.55 -9.83
C GLN B 62 0.71 -2.92 -9.14
N PHE B 63 1.01 -1.69 -9.53
CA PHE B 63 2.24 -1.02 -9.13
C PHE B 63 2.27 -0.71 -7.63
N GLU B 64 3.42 -0.95 -7.01
CA GLU B 64 3.64 -0.63 -5.60
C GLU B 64 4.71 0.45 -5.50
N ALA B 65 4.31 1.63 -5.05
CA ALA B 65 5.24 2.76 -4.92
C ALA B 65 6.27 2.52 -3.83
N VAL B 66 7.51 2.93 -4.10
CA VAL B 66 8.67 2.72 -3.24
C VAL B 66 9.29 4.07 -2.93
N GLY B 67 9.69 4.26 -1.67
CA GLY B 67 10.30 5.51 -1.26
C GLY B 67 11.73 5.63 -1.75
N ARG B 68 12.06 6.77 -2.35
CA ARG B 68 13.39 7.04 -2.88
C ARG B 68 13.79 8.47 -2.57
N GLU B 69 15.07 8.67 -2.29
CA GLU B 69 15.55 9.97 -1.87
C GLU B 69 16.71 10.40 -2.74
N PHE B 70 16.78 11.70 -2.98
CA PHE B 70 17.75 12.29 -3.88
C PHE B 70 18.25 13.58 -3.27
N ASN B 71 19.51 13.92 -3.54
CA ASN B 71 20.05 15.13 -2.94
C ASN B 71 19.69 16.32 -3.82
N ASN B 72 20.30 17.47 -3.49
CA ASN B 72 19.94 18.77 -4.03
C ASN B 72 20.39 18.94 -5.48
N LEU B 73 21.33 18.12 -5.96
CA LEU B 73 21.83 18.20 -7.33
C LEU B 73 21.42 16.99 -8.14
N GLU B 74 20.43 16.24 -7.67
CA GLU B 74 19.84 15.12 -8.38
C GLU B 74 18.37 15.40 -8.68
N ARG B 75 18.09 16.64 -9.06
CA ARG B 75 16.71 17.07 -9.18
C ARG B 75 16.06 16.47 -10.42
N ARG B 76 16.84 16.27 -11.49
CA ARG B 76 16.31 15.63 -12.70
C ARG B 76 15.84 14.21 -12.42
N ILE B 77 16.68 13.39 -11.77
CA ILE B 77 16.25 12.04 -11.48
C ILE B 77 15.20 11.99 -10.37
N GLU B 78 15.17 12.95 -9.44
CA GLU B 78 14.08 12.97 -8.47
C GLU B 78 12.74 13.22 -9.16
N ASN B 79 12.72 14.19 -10.08
CA ASN B 79 11.54 14.50 -10.87
C ASN B 79 11.13 13.31 -11.74
N LEU B 80 12.11 12.67 -12.39
CA LEU B 80 11.82 11.43 -13.12
C LEU B 80 11.19 10.38 -12.22
N ASN B 81 11.73 10.23 -11.00
CA ASN B 81 11.17 9.26 -10.08
C ASN B 81 9.74 9.62 -9.73
N LYS B 82 9.46 10.91 -9.59
CA LYS B 82 8.13 11.36 -9.20
C LYS B 82 7.13 11.11 -10.34
N LYS B 83 7.47 11.54 -11.57
CA LYS B 83 6.56 11.33 -12.69
C LYS B 83 6.37 9.86 -13.00
N MET B 84 7.40 9.04 -12.80
CA MET B 84 7.24 7.60 -12.99
C MET B 84 6.23 7.04 -12.00
N GLU B 85 6.42 7.31 -10.69
CA GLU B 85 5.51 6.69 -9.72
C GLU B 85 4.08 7.25 -9.86
N ASP B 86 3.95 8.57 -10.00
CA ASP B 86 2.63 9.15 -10.20
C ASP B 86 1.99 8.65 -11.49
N GLY B 87 2.81 8.47 -12.53
CA GLY B 87 2.29 7.93 -13.79
C GLY B 87 1.66 6.57 -13.61
N PHE B 88 2.33 5.67 -12.90
CA PHE B 88 1.73 4.36 -12.68
C PHE B 88 0.50 4.46 -11.79
N LEU B 89 0.51 5.34 -10.78
CA LEU B 89 -0.69 5.43 -9.97
C LEU B 89 -1.88 5.93 -10.80
N ASP B 90 -1.63 6.87 -11.74
CA ASP B 90 -2.72 7.35 -12.56
C ASP B 90 -3.23 6.25 -13.48
N VAL B 91 -2.32 5.48 -14.06
CA VAL B 91 -2.73 4.36 -14.90
C VAL B 91 -3.61 3.39 -14.12
N TRP B 92 -3.18 2.98 -12.93
CA TRP B 92 -3.95 1.95 -12.23
C TRP B 92 -5.26 2.50 -11.67
N THR B 93 -5.30 3.80 -11.34
CA THR B 93 -6.57 4.38 -10.93
C THR B 93 -7.55 4.38 -12.09
N TYR B 94 -7.08 4.81 -13.26
CA TYR B 94 -7.93 4.75 -14.44
C TYR B 94 -8.45 3.33 -14.67
N ASN B 95 -7.56 2.33 -14.68
CA ASN B 95 -8.00 0.95 -14.89
C ASN B 95 -9.07 0.52 -13.90
N ALA B 96 -8.85 0.81 -12.61
CA ALA B 96 -9.80 0.39 -11.58
C ALA B 96 -11.16 1.07 -11.80
N GLU B 97 -11.14 2.40 -11.96
CA GLU B 97 -12.39 3.15 -12.06
C GLU B 97 -13.17 2.75 -13.31
N LEU B 98 -12.48 2.66 -14.44
CA LEU B 98 -13.13 2.32 -15.68
C LEU B 98 -13.68 0.90 -15.64
N LEU B 99 -12.87 -0.06 -15.21
CA LEU B 99 -13.34 -1.42 -15.10
C LEU B 99 -14.61 -1.51 -14.23
N VAL B 100 -14.68 -0.69 -13.17
CA VAL B 100 -15.87 -0.72 -12.33
C VAL B 100 -17.08 -0.12 -13.08
N LEU B 101 -16.91 1.04 -13.73
CA LEU B 101 -18.00 1.61 -14.51
C LEU B 101 -18.53 0.63 -15.57
N MET B 102 -17.62 0.09 -16.41
CA MET B 102 -18.04 -0.79 -17.48
C MET B 102 -18.70 -2.03 -16.92
N GLU B 103 -18.09 -2.62 -15.90
CA GLU B 103 -18.65 -3.86 -15.38
C GLU B 103 -19.97 -3.63 -14.64
N ASN B 104 -20.17 -2.44 -14.05
CA ASN B 104 -21.45 -2.13 -13.44
C ASN B 104 -22.56 -2.06 -14.50
N GLU B 105 -22.29 -1.38 -15.62
CA GLU B 105 -23.24 -1.39 -16.73
C GLU B 105 -23.57 -2.82 -17.12
N ARG B 106 -22.54 -3.64 -17.32
CA ARG B 106 -22.80 -5.01 -17.74
C ARG B 106 -23.57 -5.80 -16.69
N THR B 107 -23.32 -5.55 -15.40
CA THR B 107 -24.04 -6.29 -14.36
C THR B 107 -25.52 -5.94 -14.38
N LEU B 108 -25.84 -4.64 -14.45
CA LEU B 108 -27.25 -4.24 -14.50
C LEU B 108 -27.95 -4.84 -15.73
N ASP B 109 -27.30 -4.77 -16.90
CA ASP B 109 -27.87 -5.38 -18.10
C ASP B 109 -27.97 -6.90 -17.99
N PHE B 110 -27.04 -7.54 -17.27
CA PHE B 110 -27.11 -8.98 -17.05
C PHE B 110 -28.37 -9.35 -16.27
N HIS B 111 -28.67 -8.60 -15.20
CA HIS B 111 -29.90 -8.88 -14.48
C HIS B 111 -31.11 -8.72 -15.40
N ASP B 112 -31.12 -7.64 -16.18
CA ASP B 112 -32.21 -7.37 -17.10
C ASP B 112 -32.41 -8.52 -18.08
N SER B 113 -31.32 -8.95 -18.73
CA SER B 113 -31.35 -10.15 -19.57
C SER B 113 -31.94 -11.36 -18.85
N ASN B 114 -31.54 -11.59 -17.59
CA ASN B 114 -32.02 -12.79 -16.89
C ASN B 114 -33.54 -12.74 -16.70
N VAL B 115 -34.07 -11.56 -16.38
CA VAL B 115 -35.52 -11.42 -16.21
C VAL B 115 -36.24 -11.66 -17.54
N LYS B 116 -35.77 -11.03 -18.63
CA LYS B 116 -36.33 -11.29 -19.96
C LYS B 116 -36.33 -12.76 -20.31
N ASN B 117 -35.22 -13.46 -20.03
CA ASN B 117 -35.12 -14.88 -20.40
C ASN B 117 -36.03 -15.75 -19.56
N LEU B 118 -36.23 -15.38 -18.29
CA LEU B 118 -37.16 -16.13 -17.47
C LEU B 118 -38.60 -15.97 -17.99
N TYR B 119 -38.97 -14.73 -18.35
CA TYR B 119 -40.23 -14.44 -19.01
C TYR B 119 -40.41 -15.27 -20.28
N ASP B 120 -39.43 -15.24 -21.19
CA ASP B 120 -39.52 -15.99 -22.42
C ASP B 120 -39.56 -17.49 -22.16
N LYS B 121 -38.89 -17.95 -21.11
CA LYS B 121 -38.96 -19.37 -20.77
C LYS B 121 -40.41 -19.78 -20.49
N VAL B 122 -41.13 -18.98 -19.69
CA VAL B 122 -42.53 -19.29 -19.43
C VAL B 122 -43.37 -19.14 -20.71
N ARG B 123 -43.20 -18.03 -21.44
CA ARG B 123 -44.00 -17.78 -22.64
C ARG B 123 -43.88 -18.91 -23.66
N LEU B 124 -42.64 -19.33 -23.95
CA LEU B 124 -42.45 -20.43 -24.89
C LEU B 124 -42.91 -21.76 -24.33
N GLN B 125 -43.03 -21.91 -23.01
CA GLN B 125 -43.72 -23.10 -22.52
C GLN B 125 -45.22 -23.04 -22.80
N LEU B 126 -45.88 -21.93 -22.44
CA LEU B 126 -47.34 -21.88 -22.43
C LEU B 126 -47.94 -21.75 -23.83
N ARG B 127 -47.32 -20.95 -24.69
CA ARG B 127 -47.77 -20.77 -26.08
C ARG B 127 -49.21 -20.25 -26.04
N ASP B 128 -50.13 -20.78 -26.85
CA ASP B 128 -51.51 -20.28 -26.90
C ASP B 128 -52.38 -20.84 -25.78
N ASN B 129 -51.86 -21.68 -24.89
CA ASN B 129 -52.60 -22.10 -23.71
C ASN B 129 -52.75 -20.99 -22.68
N ALA B 130 -52.14 -19.82 -22.89
CA ALA B 130 -52.32 -18.67 -22.02
C ALA B 130 -52.24 -17.39 -22.84
N LYS B 131 -52.78 -16.32 -22.25
CA LYS B 131 -52.84 -14.99 -22.84
C LYS B 131 -51.75 -14.10 -22.20
N GLU B 132 -51.00 -13.41 -23.05
CA GLU B 132 -49.91 -12.53 -22.61
C GLU B 132 -50.48 -11.14 -22.36
N LEU B 133 -50.62 -10.76 -21.09
CA LEU B 133 -51.21 -9.47 -20.72
C LEU B 133 -50.28 -8.27 -20.94
N GLY B 134 -48.99 -8.47 -21.23
CA GLY B 134 -48.11 -7.37 -21.60
C GLY B 134 -47.40 -6.67 -20.46
N ASN B 135 -47.47 -7.21 -19.25
CA ASN B 135 -46.89 -6.62 -18.05
C ASN B 135 -46.09 -7.64 -17.26
N GLY B 136 -45.64 -8.71 -17.90
CA GLY B 136 -45.00 -9.79 -17.19
C GLY B 136 -45.91 -10.90 -16.74
N CYS B 137 -47.21 -10.81 -17.00
CA CYS B 137 -48.15 -11.80 -16.50
C CYS B 137 -48.82 -12.57 -17.64
N PHE B 138 -49.19 -13.80 -17.32
CA PHE B 138 -49.96 -14.65 -18.21
C PHE B 138 -51.27 -15.00 -17.54
N GLU B 139 -52.36 -14.95 -18.31
CA GLU B 139 -53.67 -15.38 -17.83
C GLU B 139 -53.98 -16.72 -18.49
N PHE B 140 -54.13 -17.76 -17.68
CA PHE B 140 -54.33 -19.10 -18.23
C PHE B 140 -55.72 -19.24 -18.84
N TYR B 141 -55.78 -19.86 -20.01
CA TYR B 141 -57.05 -20.27 -20.61
C TYR B 141 -57.58 -21.57 -20.01
N HIS B 142 -56.90 -22.14 -19.04
CA HIS B 142 -57.35 -23.35 -18.36
C HIS B 142 -57.04 -23.22 -16.87
N LYS B 143 -57.61 -24.12 -16.07
CA LYS B 143 -57.27 -24.15 -14.66
C LYS B 143 -55.84 -24.65 -14.48
N CYS B 144 -55.07 -23.93 -13.68
CA CYS B 144 -53.67 -24.27 -13.40
C CYS B 144 -53.50 -24.28 -11.89
N ASP B 145 -53.52 -25.48 -11.29
CA ASP B 145 -53.42 -25.64 -9.85
C ASP B 145 -51.95 -25.57 -9.42
N ASN B 146 -51.68 -25.84 -8.15
CA ASN B 146 -50.33 -25.64 -7.63
C ASN B 146 -49.33 -26.58 -8.30
N GLU B 147 -49.76 -27.79 -8.67
CA GLU B 147 -48.88 -28.69 -9.40
C GLU B 147 -48.62 -28.17 -10.81
N CYS B 148 -49.64 -27.57 -11.44
CA CYS B 148 -49.44 -26.96 -12.75
C CYS B 148 -48.52 -25.74 -12.65
N MET B 149 -48.77 -24.86 -11.68
CA MET B 149 -47.86 -23.72 -11.48
C MET B 149 -46.44 -24.18 -11.26
N GLU B 150 -46.26 -25.20 -10.41
CA GLU B 150 -44.93 -25.72 -10.15
C GLU B 150 -44.30 -26.27 -11.42
N SER B 151 -45.12 -26.89 -12.27
CA SER B 151 -44.59 -27.41 -13.53
C SER B 151 -44.13 -26.28 -14.44
N VAL B 152 -44.83 -25.15 -14.44
CA VAL B 152 -44.35 -24.02 -15.23
C VAL B 152 -43.05 -23.48 -14.64
N ARG B 153 -42.99 -23.34 -13.30
CA ARG B 153 -41.81 -22.79 -12.65
C ARG B 153 -40.58 -23.64 -12.93
N ASN B 154 -40.71 -24.97 -12.84
CA ASN B 154 -39.54 -25.83 -12.97
C ASN B 154 -39.38 -26.40 -14.37
N GLY B 155 -39.99 -25.77 -15.37
CA GLY B 155 -39.72 -26.10 -16.76
C GLY B 155 -40.35 -27.37 -17.31
N THR B 156 -41.37 -27.94 -16.65
CA THR B 156 -41.99 -29.18 -17.10
C THR B 156 -43.48 -29.02 -17.35
N TYR B 157 -43.89 -27.89 -17.91
CA TYR B 157 -45.29 -27.71 -18.26
C TYR B 157 -45.65 -28.60 -19.44
N ASP B 158 -46.86 -29.15 -19.41
CA ASP B 158 -47.32 -30.15 -20.37
C ASP B 158 -48.41 -29.52 -21.23
N TYR B 159 -47.97 -28.80 -22.28
CA TYR B 159 -48.88 -28.13 -23.21
C TYR B 159 -49.97 -29.03 -23.77
N PRO B 160 -49.69 -30.26 -24.24
CA PRO B 160 -50.77 -31.10 -24.77
C PRO B 160 -51.79 -31.51 -23.74
N GLN B 161 -51.42 -31.59 -22.46
CA GLN B 161 -52.37 -32.02 -21.44
C GLN B 161 -53.54 -31.05 -21.33
N TYR B 162 -53.27 -29.76 -21.51
CA TYR B 162 -54.26 -28.70 -21.34
C TYR B 162 -54.72 -28.08 -22.66
N SER B 163 -54.10 -28.46 -23.78
CA SER B 163 -54.39 -27.78 -25.05
C SER B 163 -55.86 -27.87 -25.43
N GLU B 164 -56.54 -28.96 -25.10
CA GLU B 164 -57.96 -29.08 -25.44
C GLU B 164 -58.80 -28.12 -24.61
N GLU B 165 -58.66 -28.18 -23.28
CA GLU B 165 -59.41 -27.27 -22.41
C GLU B 165 -59.15 -25.82 -22.80
N ALA B 166 -57.89 -25.49 -23.09
CA ALA B 166 -57.54 -24.12 -23.46
C ALA B 166 -58.17 -23.74 -24.79
N ARG B 167 -58.07 -24.61 -25.79
CA ARG B 167 -58.72 -24.36 -27.08
C ARG B 167 -60.22 -24.11 -26.91
N LEU B 168 -60.88 -24.85 -26.02
CA LEU B 168 -62.31 -24.63 -25.77
C LEU B 168 -62.56 -23.26 -25.16
N LYS B 169 -61.70 -22.83 -24.23
CA LYS B 169 -61.86 -21.48 -23.67
C LYS B 169 -61.61 -20.40 -24.73
N ARG B 170 -60.59 -20.59 -25.57
CA ARG B 170 -60.27 -19.61 -26.61
C ARG B 170 -61.45 -19.47 -27.57
N GLU B 171 -61.96 -20.60 -28.07
CA GLU B 171 -63.10 -20.56 -28.97
C GLU B 171 -64.30 -19.91 -28.29
N GLU B 172 -64.53 -20.21 -27.01
CA GLU B 172 -65.62 -19.53 -26.30
C GLU B 172 -65.44 -18.02 -26.29
N ILE B 173 -64.21 -17.54 -26.10
CA ILE B 173 -63.98 -16.10 -25.99
C ILE B 173 -64.09 -15.44 -27.38
N SER B 174 -63.51 -16.07 -28.40
CA SER B 174 -63.51 -15.49 -29.74
C SER B 174 -64.87 -15.60 -30.42
N SER B 175 -65.83 -16.30 -29.82
CA SER B 175 -67.21 -16.30 -30.27
C SER B 175 -68.08 -15.29 -29.54
N GLY B 176 -67.62 -14.74 -28.41
CA GLY B 176 -68.38 -13.76 -27.66
C GLY B 176 -69.32 -14.38 -26.63
C1 NAG C . 41.63 -11.81 7.29
C2 NAG C . 42.35 -11.75 5.97
C3 NAG C . 42.22 -13.08 5.25
C4 NAG C . 42.69 -14.23 6.14
C5 NAG C . 42.06 -14.16 7.53
C6 NAG C . 42.67 -15.13 8.51
C7 NAG C . 42.69 -9.93 4.39
C8 NAG C . 42.05 -8.88 3.52
N2 NAG C . 41.86 -10.68 5.12
O3 NAG C . 43.00 -12.98 4.06
O4 NAG C . 42.23 -15.48 5.64
O5 NAG C . 42.20 -12.85 8.10
O6 NAG C . 42.80 -14.58 9.82
O7 NAG C . 43.92 -10.07 4.42
C1 NAG C . 42.67 -15.81 4.32
C2 NAG C . 42.86 -17.30 4.16
C3 NAG C . 43.40 -17.62 2.77
C4 NAG C . 42.54 -16.96 1.69
C5 NAG C . 42.32 -15.48 1.99
C6 NAG C . 41.34 -14.81 1.06
C7 NAG C . 43.27 -18.28 6.37
C8 NAG C . 44.30 -18.80 7.33
N2 NAG C . 43.73 -17.84 5.19
O3 NAG C . 43.44 -19.03 2.58
O4 NAG C . 43.17 -17.07 0.42
O5 NAG C . 41.79 -15.33 3.31
O6 NAG C . 41.43 -13.39 1.12
O7 NAG C . 42.08 -18.27 6.64
C1 NAG D . -41.58 -30.07 -11.05
C2 NAG D . -40.94 -31.08 -10.13
C3 NAG D . -41.61 -32.44 -10.31
C4 NAG D . -43.12 -32.32 -10.11
C5 NAG D . -43.73 -31.11 -10.85
C6 NAG D . -45.11 -30.77 -10.35
C7 NAG D . -38.62 -30.73 -9.43
C8 NAG D . -37.17 -30.86 -9.80
N2 NAG D . -39.51 -31.16 -10.34
O3 NAG D . -41.07 -33.35 -9.37
O4 NAG D . -43.78 -33.47 -10.63
O5 NAG D . -42.94 -29.92 -10.72
O6 NAG D . -45.95 -30.32 -11.40
O7 NAG D . -38.98 -30.27 -8.34
C1 NAG D . -43.97 -34.55 -9.69
C2 NAG D . -45.17 -35.39 -10.15
C3 NAG D . -45.35 -36.62 -9.27
C4 NAG D . -44.05 -37.42 -9.21
C5 NAG D . -42.90 -36.52 -8.76
C6 NAG D . -41.55 -37.22 -8.77
C7 NAG D . -46.96 -34.16 -11.30
C8 NAG D . -48.23 -33.37 -11.15
N2 NAG D . -46.40 -34.60 -10.18
O3 NAG D . -46.40 -37.42 -9.77
O4 NAG D . -44.18 -38.53 -8.34
O5 NAG D . -42.79 -35.39 -9.63
O6 NAG D . -40.57 -36.46 -8.09
O7 NAG D . -46.48 -34.40 -12.40
C1 NAG E . -24.43 11.68 -7.00
C2 NAG E . -24.11 13.07 -7.59
C3 NAG E . -23.14 13.83 -6.67
C4 NAG E . -23.70 13.90 -5.25
C5 NAG E . -23.98 12.49 -4.74
C6 NAG E . -24.61 12.48 -3.36
C7 NAG E . -24.08 13.51 -10.00
C8 NAG E . -23.36 13.28 -11.30
N2 NAG E . -23.53 12.94 -8.92
O3 NAG E . -22.95 15.15 -7.17
O4 NAG E . -22.77 14.54 -4.38
O5 NAG E . -24.90 11.83 -5.62
O6 NAG E . -24.52 11.20 -2.76
O7 NAG E . -25.10 14.18 -9.93
C1 NAG F . -9.99 -5.26 12.29
C2 NAG F . -9.61 -6.05 13.56
C3 NAG F . -10.82 -6.84 14.06
C4 NAG F . -12.04 -5.96 14.23
C5 NAG F . -12.33 -5.22 12.92
C6 NAG F . -13.46 -4.23 13.03
C7 NAG F . -7.36 -6.91 14.02
C8 NAG F . -6.31 -7.91 13.62
N2 NAG F . -8.48 -6.93 13.30
O3 NAG F . -10.51 -7.47 15.32
O4 NAG F . -13.18 -6.73 14.58
O5 NAG F . -11.17 -4.48 12.53
O6 NAG F . -13.81 -3.70 11.76
O7 NAG F . -7.19 -6.13 14.95
C2 EZ7 G . -15.72 -11.34 -3.71
C3 EZ7 G . -15.92 -10.37 -2.75
C4 EZ7 G . -17.23 -9.97 -2.48
C11 EZ7 G . -18.27 -10.49 -3.16
C12 EZ7 G . -18.04 -11.42 -4.11
C16 EZ7 G . -21.85 -11.97 -5.48
C18 EZ7 G . -22.54 -10.64 -3.59
C19 EZ7 G . -23.89 -10.86 -3.95
C60 EZ7 G . -13.35 -8.50 -0.83
C58 EZ7 G . -14.71 -8.72 -1.51
O59 EZ7 G . -15.55 -7.85 -1.46
N7 EZ7 G . -14.82 -9.94 -2.11
C1 EZ7 G . -16.82 -11.85 -4.39
O13 EZ7 G . -19.18 -11.77 -4.64
N10 EZ7 G . -19.60 -10.26 -3.13
C9 EZ7 G . -20.19 -11.06 -4.03
C17 EZ7 G . -21.51 -11.20 -4.36
C15 EZ7 G . -23.20 -12.15 -5.84
N14 EZ7 G . -24.22 -11.56 -5.06
C23 EZ7 G . -24.92 -10.27 -3.21
O24 EZ7 G . -24.96 -9.05 -3.17
N27 EZ7 G . -25.91 -11.04 -2.67
C28 EZ7 G . -27.06 -10.41 -1.97
C29 EZ7 G . -28.40 -11.03 -2.50
C26 EZ7 G . -25.91 -12.52 -2.73
C25 EZ7 G . -27.26 -13.03 -3.18
N30 EZ7 G . -28.40 -12.51 -2.41
C40 EZ7 G . -29.62 -13.12 -3.03
C52 EZ7 G . -29.73 -14.62 -2.76
N56 EZ7 G . -30.41 -15.49 -3.49
N53 EZ7 G . -29.21 -15.29 -1.74
N54 EZ7 G . -29.53 -16.40 -1.89
N55 EZ7 G . -30.27 -16.54 -2.95
C57 EZ7 G . -30.86 -17.81 -3.42
C44 EZ7 G . -30.79 -12.50 -2.63
C43 EZ7 G . -31.55 -11.81 -3.56
C42 EZ7 G . -32.70 -11.17 -3.15
C41 EZ7 G . -33.09 -11.23 -1.83
C46 EZ7 G . -32.34 -11.92 -0.90
C45 EZ7 G . -31.19 -12.56 -1.30
C1 PEG H . -16.96 -13.06 -0.43
O1 PEG H . -16.90 -12.36 0.82
C2 PEG H . -18.41 -13.50 -0.72
O2 PEG H . -18.50 -14.14 -2.00
C3 PEG H . -17.83 -15.41 -1.95
C4 PEG H . -16.89 -15.58 -3.15
O4 PEG H . -15.66 -14.90 -2.94
#